data_3IVL
#
_entry.id   3IVL
#
_cell.length_a   108.173
_cell.length_b   108.173
_cell.length_c   113.995
_cell.angle_alpha   90.000
_cell.angle_beta   90.000
_cell.angle_gamma   120.000
#
_symmetry.space_group_name_H-M   'H 3'
#
loop_
_entity.id
_entity.type
_entity.pdbx_description
1 polymer 'Putative zinc protease'
2 non-polymer DI(HYDROXYETHYL)ETHER
3 water water
#
_entity_poly.entity_id   1
_entity_poly.type   'polypeptide(L)'
_entity_poly.pdbx_seq_one_letter_code
;YTVEPVQDGERSVTLRRAGGTPLVAA(MSE)YHLPAAGSPDFVGLDLAATILADTPSGRLYHALVPTKLASGVFGFT
(MSE)DQLDPGLA(MSE)FGAQLQPG(MSE)DQDKALQTLTATLESLSSKPFSQEELERARSKWLTAWQQTYADPEKVGV
ALSEAIASGDWRLFFLQRDRVRDAKLDDVQRAAVAYLVRSNRTEGRYIPTEKPQRAPLAQRADLAAV
;
_entity_poly.pdbx_strand_id   A,B
#
# COMPACT_ATOMS: atom_id res chain seq x y z
N VAL A 13 5.36 -0.29 -36.86
CA VAL A 13 6.80 -0.25 -37.05
C VAL A 13 7.32 -0.61 -38.44
N THR A 14 7.00 -1.78 -38.97
CA THR A 14 7.43 -2.00 -40.33
C THR A 14 6.72 -1.06 -41.31
N LEU A 15 5.41 -0.98 -41.23
CA LEU A 15 4.64 0.09 -41.85
C LEU A 15 3.59 0.73 -40.95
N ARG A 16 3.51 2.04 -40.94
CA ARG A 16 2.38 2.76 -40.40
C ARG A 16 2.07 3.99 -41.21
N ARG A 17 0.80 4.32 -41.35
CA ARG A 17 0.43 5.59 -41.90
C ARG A 17 0.79 6.66 -40.89
N ALA A 18 1.08 7.84 -41.34
CA ALA A 18 1.43 8.91 -40.44
C ALA A 18 0.28 9.30 -39.54
N GLY A 19 0.57 9.55 -38.29
CA GLY A 19 -0.46 9.89 -37.33
C GLY A 19 0.05 9.93 -35.93
N GLY A 20 -0.84 10.21 -35.03
CA GLY A 20 -0.54 10.28 -33.63
C GLY A 20 -0.23 8.94 -33.03
N THR A 21 0.57 8.93 -31.99
CA THR A 21 0.80 7.74 -31.22
C THR A 21 0.02 7.76 -29.93
N PRO A 22 -0.15 6.60 -29.35
CA PRO A 22 -0.96 6.44 -28.15
C PRO A 22 -0.35 7.07 -26.94
N LEU A 23 -1.18 7.52 -26.03
CA LEU A 23 -0.72 7.96 -24.74
C LEU A 23 -1.54 7.27 -23.67
N VAL A 24 -0.90 6.72 -22.65
CA VAL A 24 -1.25 6.23 -21.60
CA VAL A 24 -1.28 6.25 -21.59
C VAL A 24 -1.27 7.07 -20.34
N ALA A 25 -2.30 7.01 -19.51
CA ALA A 25 -2.30 7.81 -18.29
C ALA A 25 -2.82 7.11 -17.06
N ALA A 26 -2.33 7.53 -15.90
CA ALA A 26 -2.82 7.18 -14.60
C ALA A 26 -3.26 8.37 -13.73
N TYR A 28 -5.08 9.56 -10.01
CA TYR A 28 -5.39 9.22 -8.67
C TYR A 28 -6.16 10.33 -8.01
N HIS A 29 -7.20 10.00 -7.26
CA HIS A 29 -7.93 10.98 -6.50
C HIS A 29 -7.16 11.54 -5.35
N LEU A 30 -7.45 12.80 -5.09
CA LEU A 30 -6.72 13.61 -4.13
C LEU A 30 -7.62 14.00 -2.98
N PRO A 31 -7.00 14.31 -1.87
CA PRO A 31 -7.68 14.86 -0.72
C PRO A 31 -8.05 16.26 -1.05
N ALA A 32 -8.83 16.87 -0.19
CA ALA A 32 -9.27 18.23 -0.38
C ALA A 32 -8.09 19.17 -0.38
N ALA A 33 -8.22 20.27 -1.11
CA ALA A 33 -7.15 21.25 -1.25
C ALA A 33 -6.82 21.85 0.08
N GLY A 34 -7.85 21.94 0.90
CA GLY A 34 -7.72 22.40 2.26
C GLY A 34 -7.04 21.45 3.20
N SER A 35 -6.94 20.20 2.83
CA SER A 35 -6.20 19.27 3.64
C SER A 35 -4.72 19.51 3.46
N PRO A 36 -3.97 19.24 4.50
CA PRO A 36 -2.52 19.38 4.49
C PRO A 36 -1.85 18.34 3.63
N ASP A 37 -2.51 17.21 3.46
CA ASP A 37 -1.99 16.12 2.66
C ASP A 37 -1.83 16.58 1.23
N PHE A 38 -2.62 17.55 0.84
CA PHE A 38 -2.73 17.89 -0.54
C PHE A 38 -1.46 18.39 -1.12
N VAL A 39 -0.82 19.23 -0.35
CA VAL A 39 0.41 19.85 -0.68
C VAL A 39 1.52 18.81 -0.86
N GLY A 40 1.49 17.80 -0.03
CA GLY A 40 2.44 16.74 -0.10
C GLY A 40 2.34 15.99 -1.39
N LEU A 41 1.13 15.72 -1.81
CA LEU A 41 0.87 15.17 -3.11
C LEU A 41 1.24 16.08 -4.27
N ASP A 42 1.01 17.37 -4.14
CA ASP A 42 1.40 18.31 -5.16
C ASP A 42 2.90 18.29 -5.33
N LEU A 43 3.65 18.39 -4.25
CA LEU A 43 5.10 18.30 -4.29
C LEU A 43 5.59 16.94 -4.75
N ALA A 44 4.95 15.86 -4.35
CA ALA A 44 5.33 14.55 -4.84
C ALA A 44 5.13 14.44 -6.33
N ALA A 45 4.05 14.93 -6.85
CA ALA A 45 3.83 14.90 -8.27
C ALA A 45 4.90 15.72 -8.98
N THR A 46 5.28 16.85 -8.43
CA THR A 46 6.33 17.62 -9.03
C THR A 46 7.70 16.93 -9.01
N ILE A 47 8.00 16.18 -7.96
CA ILE A 47 9.16 15.36 -7.95
C ILE A 47 9.11 14.26 -8.97
N LEU A 48 7.97 13.58 -9.05
CA LEU A 48 7.80 12.44 -9.92
C LEU A 48 7.89 12.75 -11.40
N ALA A 49 7.33 13.87 -11.81
CA ALA A 49 7.25 14.19 -13.21
C ALA A 49 8.36 15.07 -13.68
N ASP A 50 9.36 15.29 -12.86
CA ASP A 50 10.50 16.05 -13.29
C ASP A 50 11.17 15.31 -14.46
N THR A 51 11.34 16.03 -15.54
CA THR A 51 12.03 15.51 -16.69
C THR A 51 13.20 16.45 -16.98
N PRO A 52 14.37 15.92 -17.32
CA PRO A 52 14.62 14.50 -17.50
C PRO A 52 15.20 13.87 -16.25
N SER A 53 15.39 14.65 -15.22
CA SER A 53 15.98 14.15 -14.00
C SER A 53 15.12 13.14 -13.33
N GLY A 54 13.83 13.33 -13.47
CA GLY A 54 12.84 12.78 -12.59
C GLY A 54 12.72 11.31 -12.75
N ARG A 55 12.04 10.69 -11.81
CA ARG A 55 11.83 9.27 -11.81
C ARG A 55 11.02 8.73 -12.96
N LEU A 56 9.95 9.39 -13.33
CA LEU A 56 9.15 8.84 -14.37
C LEU A 56 9.92 8.78 -15.66
N TYR A 57 10.70 9.81 -15.93
CA TYR A 57 11.44 9.87 -17.14
C TYR A 57 12.38 8.69 -17.20
N HIS A 58 13.09 8.49 -16.11
CA HIS A 58 14.17 7.53 -16.09
C HIS A 58 13.60 6.19 -16.36
N ALA A 59 12.46 5.91 -15.79
CA ALA A 59 11.82 4.66 -15.98
C ALA A 59 11.33 4.40 -17.39
N LEU A 60 10.97 5.44 -18.11
CA LEU A 60 10.29 5.24 -19.35
C LEU A 60 10.97 5.76 -20.59
N VAL A 61 11.60 6.90 -20.52
CA VAL A 61 12.14 7.45 -21.72
C VAL A 61 13.34 6.72 -22.31
N PRO A 62 14.35 6.45 -21.51
CA PRO A 62 15.55 5.82 -22.00
C PRO A 62 15.40 4.33 -22.00
N THR A 63 14.30 3.84 -21.50
CA THR A 63 14.04 2.45 -21.69
C THR A 63 13.33 2.34 -23.02
N LYS A 64 13.16 3.46 -23.67
CA LYS A 64 12.64 3.53 -25.02
C LYS A 64 11.25 3.04 -24.88
N LEU A 65 10.86 2.90 -23.64
CA LEU A 65 9.48 2.68 -23.30
C LEU A 65 8.57 3.84 -23.62
N ALA A 66 9.04 5.08 -23.48
CA ALA A 66 8.21 6.22 -23.84
C ALA A 66 8.91 7.36 -24.50
N SER A 67 8.19 8.04 -25.36
CA SER A 67 8.61 9.28 -25.96
C SER A 67 8.71 10.47 -25.02
N GLY A 68 7.78 10.58 -24.08
CA GLY A 68 7.73 11.69 -23.15
C GLY A 68 6.93 11.38 -21.93
N VAL A 69 7.06 12.20 -20.92
CA VAL A 69 6.43 11.95 -19.65
C VAL A 69 5.85 13.25 -19.09
N PHE A 70 4.69 13.16 -18.45
CA PHE A 70 4.14 14.29 -17.73
C PHE A 70 3.48 13.90 -16.44
N GLY A 71 3.47 14.83 -15.50
CA GLY A 71 2.70 14.73 -14.29
C GLY A 71 2.35 16.06 -13.64
N PHE A 72 1.14 16.16 -13.13
CA PHE A 72 0.65 17.30 -12.41
C PHE A 72 -0.61 17.00 -11.57
N THR A 73 -0.94 17.89 -10.65
CA THR A 73 -2.18 17.87 -9.89
C THR A 73 -3.17 18.90 -10.39
N ASP A 75 -6.25 20.99 -8.94
CA ASP A 75 -7.12 21.36 -7.86
C ASP A 75 -8.37 22.08 -8.27
N GLN A 76 -8.45 22.56 -9.48
CA GLN A 76 -9.68 23.21 -9.87
C GLN A 76 -10.84 22.26 -10.01
N LEU A 77 -10.57 20.97 -10.16
CA LEU A 77 -11.65 20.03 -10.33
C LEU A 77 -12.26 19.70 -9.01
N ASP A 78 -13.52 19.37 -8.99
CA ASP A 78 -14.13 18.94 -7.76
C ASP A 78 -14.58 17.51 -7.87
N PRO A 79 -13.93 16.61 -7.18
CA PRO A 79 -12.71 16.82 -6.44
C PRO A 79 -11.43 16.72 -7.28
N GLY A 80 -10.31 16.90 -6.63
CA GLY A 80 -9.03 16.95 -7.28
C GLY A 80 -8.50 15.65 -7.79
N LEU A 81 -7.62 15.72 -8.77
CA LEU A 81 -7.03 14.56 -9.37
C LEU A 81 -5.60 14.83 -9.64
N ALA A 82 -4.76 13.82 -9.55
CA ALA A 82 -3.41 13.87 -10.03
C ALA A 82 -3.33 13.02 -11.29
N PHE A 84 -0.75 11.43 -14.35
CA PHE A 84 0.57 11.13 -14.87
C PHE A 84 0.42 10.42 -16.19
N GLY A 85 1.22 10.78 -17.16
CA GLY A 85 1.06 10.25 -18.50
C GLY A 85 2.32 9.90 -19.28
N ALA A 86 2.19 9.02 -20.24
CA ALA A 86 3.29 8.66 -21.08
C ALA A 86 2.88 8.70 -22.54
N GLN A 87 3.64 9.40 -23.36
CA GLN A 87 3.37 9.45 -24.77
C GLN A 87 4.25 8.38 -25.40
N LEU A 88 3.65 7.42 -26.06
CA LEU A 88 4.37 6.30 -26.56
C LEU A 88 4.98 6.51 -27.90
N GLN A 89 6.04 5.79 -28.17
CA GLN A 89 6.49 5.68 -29.54
C GLN A 89 5.80 4.56 -30.26
N PRO A 90 5.80 4.64 -31.58
CA PRO A 90 5.13 3.64 -32.38
C PRO A 90 5.77 2.29 -32.15
N GLY A 91 4.92 1.33 -31.88
CA GLY A 91 5.35 0.00 -31.57
C GLY A 91 5.76 -0.21 -30.13
N ASP A 93 4.57 -0.84 -26.62
CA ASP A 93 3.24 -1.37 -26.32
C ASP A 93 2.67 -0.69 -25.09
N GLN A 94 1.38 -0.43 -25.15
CA GLN A 94 0.70 0.34 -24.15
C GLN A 94 0.74 -0.29 -22.77
N ASP A 95 0.44 -1.58 -22.72
CA ASP A 95 0.30 -2.31 -21.52
C ASP A 95 1.59 -2.29 -20.76
N LYS A 96 2.69 -2.41 -21.44
CA LYS A 96 3.93 -2.32 -20.71
C LYS A 96 4.15 -0.97 -20.15
N ALA A 97 3.90 0.05 -20.96
CA ALA A 97 4.18 1.41 -20.51
C ALA A 97 3.32 1.79 -19.33
N LEU A 98 2.06 1.45 -19.41
CA LEU A 98 1.11 1.71 -18.36
C LEU A 98 1.53 0.97 -17.12
N GLN A 99 1.93 -0.29 -17.28
CA GLN A 99 2.35 -1.08 -16.13
C GLN A 99 3.55 -0.55 -15.45
N THR A 100 4.57 -0.20 -16.20
CA THR A 100 5.72 0.40 -15.60
C THR A 100 5.47 1.78 -14.99
N LEU A 101 4.62 2.57 -15.60
CA LEU A 101 4.28 3.87 -15.07
C LEU A 101 3.54 3.76 -13.75
N THR A 102 2.51 2.94 -13.70
CA THR A 102 1.79 2.74 -12.49
C THR A 102 2.59 2.05 -11.44
N ALA A 103 3.38 1.09 -11.85
CA ALA A 103 4.19 0.38 -10.90
C ALA A 103 5.21 1.30 -10.28
N THR A 104 5.81 2.15 -11.06
CA THR A 104 6.72 3.11 -10.47
C THR A 104 6.08 4.19 -9.55
N LEU A 105 4.88 4.63 -9.86
CA LEU A 105 4.14 5.53 -8.99
C LEU A 105 3.74 4.94 -7.66
N GLU A 106 3.41 3.67 -7.69
CA GLU A 106 2.82 2.95 -6.58
C GLU A 106 3.81 2.17 -5.71
N SER A 107 5.08 2.44 -5.93
CA SER A 107 6.16 1.75 -5.27
C SER A 107 7.04 2.64 -4.43
N LEU A 108 6.55 3.78 -4.00
CA LEU A 108 7.41 4.69 -3.27
C LEU A 108 7.86 4.22 -1.91
N SER A 109 7.10 3.29 -1.35
CA SER A 109 7.44 2.68 -0.08
C SER A 109 8.77 1.99 -0.20
N SER A 110 8.97 1.30 -1.31
CA SER A 110 10.26 0.73 -1.69
C SER A 110 11.35 1.73 -1.96
N LYS A 111 11.01 2.88 -2.51
CA LYS A 111 12.01 3.92 -2.66
C LYS A 111 11.51 5.28 -2.18
N PRO A 112 12.06 5.73 -1.07
CA PRO A 112 11.71 6.98 -0.44
C PRO A 112 12.22 8.17 -1.18
N PHE A 113 11.54 9.31 -1.08
CA PHE A 113 11.98 10.55 -1.66
C PHE A 113 13.13 11.02 -0.82
N SER A 114 13.90 11.91 -1.38
CA SER A 114 15.08 12.43 -0.77
C SER A 114 14.92 13.88 -0.48
N GLN A 115 15.70 14.41 0.44
CA GLN A 115 15.59 15.80 0.78
C GLN A 115 15.95 16.54 -0.42
N GLU A 116 16.82 15.98 -1.21
CA GLU A 116 17.25 16.70 -2.37
C GLU A 116 16.08 16.91 -3.30
N GLU A 117 15.35 15.83 -3.50
CA GLU A 117 14.23 15.86 -4.35
C GLU A 117 13.17 16.86 -3.81
N LEU A 118 12.86 16.84 -2.52
CA LEU A 118 11.88 17.76 -1.95
C LEU A 118 12.24 19.22 -2.07
N GLU A 119 13.45 19.56 -1.74
CA GLU A 119 13.83 20.93 -1.85
C GLU A 119 13.81 21.43 -3.27
N ARG A 120 14.20 20.62 -4.23
CA ARG A 120 14.08 21.04 -5.61
C ARG A 120 12.60 21.27 -6.00
N ALA A 121 11.75 20.31 -5.68
CA ALA A 121 10.31 20.46 -5.93
C ALA A 121 9.71 21.64 -5.17
N ARG A 122 10.10 21.86 -3.92
CA ARG A 122 9.58 22.99 -3.18
C ARG A 122 9.91 24.33 -3.80
N SER A 123 11.14 24.48 -4.25
CA SER A 123 11.56 25.67 -4.95
C SER A 123 10.86 25.94 -6.26
N LYS A 124 10.58 24.92 -7.05
CA LYS A 124 9.80 25.13 -8.24
C LYS A 124 8.40 25.66 -7.90
N TRP A 125 7.79 25.11 -6.88
CA TRP A 125 6.46 25.51 -6.48
C TRP A 125 6.42 26.95 -6.04
N LEU A 126 7.35 27.31 -5.17
CA LEU A 126 7.46 28.64 -4.60
C LEU A 126 7.74 29.69 -5.64
N THR A 127 8.53 29.33 -6.63
CA THR A 127 8.74 30.19 -7.75
C THR A 127 7.49 30.40 -8.54
N ALA A 128 6.78 29.34 -8.81
CA ALA A 128 5.51 29.53 -9.46
C ALA A 128 4.52 30.33 -8.62
N TRP A 129 4.52 30.16 -7.31
CA TRP A 129 3.64 30.96 -6.50
C TRP A 129 4.01 32.40 -6.61
N GLN A 130 5.29 32.70 -6.53
CA GLN A 130 5.74 34.07 -6.58
C GLN A 130 5.37 34.77 -7.88
N GLN A 131 5.50 34.06 -9.00
CA GLN A 131 5.14 34.60 -10.29
C GLN A 131 3.69 34.95 -10.35
N THR A 132 2.85 34.08 -9.84
CA THR A 132 1.46 34.39 -9.79
C THR A 132 1.21 35.59 -8.89
N TYR A 133 1.88 35.67 -7.75
CA TYR A 133 1.62 36.71 -6.79
C TYR A 133 1.94 38.07 -7.31
N ALA A 134 3.08 38.14 -7.98
CA ALA A 134 3.64 39.35 -8.54
C ALA A 134 2.76 39.94 -9.59
N ASP A 135 2.11 39.09 -10.36
CA ASP A 135 1.31 39.54 -11.47
C ASP A 135 -0.13 39.74 -11.14
N PRO A 136 -0.57 40.97 -11.28
CA PRO A 136 -1.87 41.46 -10.83
C PRO A 136 -3.05 40.79 -11.49
N GLU A 137 -2.96 40.41 -12.73
CA GLU A 137 -4.10 39.72 -13.28
C GLU A 137 -4.26 38.41 -12.59
N LYS A 138 -3.17 37.68 -12.51
CA LYS A 138 -3.10 36.34 -11.97
C LYS A 138 -3.42 36.16 -10.50
N VAL A 139 -2.93 37.06 -9.66
CA VAL A 139 -3.21 37.01 -8.25
C VAL A 139 -4.64 37.23 -7.94
N GLY A 140 -5.28 38.12 -8.67
CA GLY A 140 -6.69 38.34 -8.49
C GLY A 140 -7.42 37.10 -8.85
N VAL A 141 -6.99 36.47 -9.91
CA VAL A 141 -7.61 35.24 -10.35
C VAL A 141 -7.46 34.15 -9.32
N ALA A 142 -6.28 34.01 -8.77
CA ALA A 142 -6.02 33.05 -7.72
C ALA A 142 -6.81 33.31 -6.44
N LEU A 143 -6.90 34.55 -6.03
CA LEU A 143 -7.73 34.91 -4.91
C LEU A 143 -9.18 34.67 -5.16
N SER A 144 -9.64 34.85 -6.38
CA SER A 144 -11.01 34.55 -6.72
C SER A 144 -11.36 33.10 -6.54
N GLU A 145 -10.47 32.25 -6.98
CA GLU A 145 -10.65 30.83 -6.89
C GLU A 145 -10.63 30.34 -5.48
N ALA A 146 -9.83 30.98 -4.66
CA ALA A 146 -9.77 30.67 -3.26
C ALA A 146 -11.08 31.03 -2.60
N ILE A 147 -11.60 32.18 -2.95
CA ILE A 147 -12.87 32.60 -2.42
C ILE A 147 -14.01 31.69 -2.87
N ALA A 148 -14.02 31.26 -4.12
CA ALA A 148 -15.05 30.36 -4.62
C ALA A 148 -15.03 29.05 -3.91
N SER A 149 -13.84 28.65 -3.51
CA SER A 149 -13.59 27.41 -2.87
C SER A 149 -13.99 27.46 -1.42
N GLY A 150 -14.37 28.64 -0.98
CA GLY A 150 -14.76 28.85 0.39
C GLY A 150 -13.75 29.22 1.45
N ASP A 151 -12.49 29.38 1.10
CA ASP A 151 -11.54 29.97 2.01
C ASP A 151 -10.66 30.93 1.28
N TRP A 152 -10.74 32.20 1.58
CA TRP A 152 -9.91 33.22 0.97
C TRP A 152 -8.42 33.03 1.24
N ARG A 153 -8.11 32.44 2.37
CA ARG A 153 -6.76 32.29 2.83
C ARG A 153 -5.97 31.27 2.06
N LEU A 154 -6.64 30.43 1.30
CA LEU A 154 -6.01 29.26 0.78
C LEU A 154 -4.80 29.56 -0.07
N PHE A 155 -4.79 30.62 -0.83
CA PHE A 155 -3.68 30.90 -1.67
C PHE A 155 -2.42 31.10 -0.85
N PHE A 156 -2.52 31.89 0.20
CA PHE A 156 -1.47 32.09 1.16
C PHE A 156 -1.16 30.92 2.05
N LEU A 157 -2.20 30.24 2.50
CA LEU A 157 -2.06 29.10 3.33
C LEU A 157 -1.33 27.96 2.64
N GLN A 158 -1.60 27.73 1.37
CA GLN A 158 -0.91 26.68 0.64
C GLN A 158 0.59 26.96 0.57
N ARG A 159 0.98 28.20 0.38
CA ARG A 159 2.37 28.51 0.32
C ARG A 159 3.10 28.22 1.61
N ASP A 160 2.49 28.56 2.71
CA ASP A 160 3.04 28.27 3.99
C ASP A 160 3.13 26.79 4.24
N ARG A 161 2.17 26.02 3.82
CA ARG A 161 2.28 24.59 3.93
C ARG A 161 3.41 23.98 3.12
N VAL A 162 3.63 24.49 1.95
CA VAL A 162 4.74 24.09 1.14
C VAL A 162 6.04 24.45 1.82
N ARG A 163 6.12 25.62 2.37
CA ARG A 163 7.29 26.00 3.08
C ARG A 163 7.48 25.13 4.28
N ASP A 164 6.42 24.81 4.97
CA ASP A 164 6.54 24.01 6.16
C ASP A 164 6.64 22.50 5.98
N ALA A 165 6.42 21.97 4.78
CA ALA A 165 6.39 20.53 4.58
C ALA A 165 7.69 19.82 4.85
N LYS A 166 7.56 18.66 5.45
CA LYS A 166 8.66 17.82 5.83
C LYS A 166 8.66 16.61 4.96
N LEU A 167 9.82 16.04 4.74
CA LEU A 167 9.99 14.96 3.81
C LEU A 167 9.16 13.77 4.16
N ASP A 168 9.07 13.44 5.43
CA ASP A 168 8.22 12.36 5.84
C ASP A 168 6.77 12.60 5.54
N ASP A 169 6.33 13.85 5.65
CA ASP A 169 4.97 14.15 5.32
C ASP A 169 4.68 13.93 3.87
N VAL A 170 5.55 14.43 3.03
CA VAL A 170 5.42 14.23 1.60
C VAL A 170 5.53 12.76 1.28
N GLN A 171 6.50 12.10 1.86
CA GLN A 171 6.67 10.70 1.60
C GLN A 171 5.46 9.91 2.03
N ARG A 172 4.95 10.19 3.21
CA ARG A 172 3.77 9.53 3.67
C ARG A 172 2.53 9.79 2.83
N ALA A 173 2.33 11.02 2.41
CA ALA A 173 1.19 11.32 1.56
C ALA A 173 1.25 10.69 0.20
N ALA A 174 2.41 10.68 -0.40
CA ALA A 174 2.51 10.09 -1.70
C ALA A 174 2.16 8.61 -1.64
N VAL A 175 2.73 7.93 -0.68
CA VAL A 175 2.46 6.52 -0.50
C VAL A 175 1.03 6.17 -0.19
N ALA A 176 0.32 7.00 0.53
CA ALA A 176 -1.09 6.80 0.78
C ALA A 176 -2.04 6.93 -0.38
N TYR A 177 -1.81 7.89 -1.24
CA TYR A 177 -2.73 8.13 -2.34
C TYR A 177 -2.36 7.50 -3.66
N LEU A 178 -1.08 7.24 -3.87
CA LEU A 178 -0.63 6.61 -5.08
C LEU A 178 -0.72 5.12 -4.96
N VAL A 179 -1.90 4.61 -5.16
CA VAL A 179 -2.25 3.28 -4.81
C VAL A 179 -3.29 2.75 -5.79
N ARG A 180 -3.20 1.46 -6.10
CA ARG A 180 -4.01 0.84 -7.12
C ARG A 180 -5.46 0.92 -6.77
N SER A 181 -5.71 0.96 -5.48
CA SER A 181 -7.04 1.12 -4.98
C SER A 181 -7.60 2.43 -5.48
N ASN A 182 -6.74 3.42 -5.63
CA ASN A 182 -7.07 4.78 -6.06
C ASN A 182 -6.80 5.05 -7.56
N ARG A 183 -6.31 4.07 -8.28
CA ARG A 183 -5.94 4.26 -9.67
C ARG A 183 -7.03 4.23 -10.71
N THR A 184 -7.02 5.20 -11.62
CA THR A 184 -7.80 5.15 -12.83
C THR A 184 -6.88 5.19 -14.01
N GLU A 185 -7.21 4.49 -15.04
CA GLU A 185 -6.30 4.30 -16.15
C GLU A 185 -6.88 4.87 -17.41
N GLY A 186 -6.07 5.62 -18.12
CA GLY A 186 -6.48 6.22 -19.35
C GLY A 186 -5.61 5.88 -20.53
N ARG A 187 -6.26 5.60 -21.64
CA ARG A 187 -5.57 5.39 -22.88
C ARG A 187 -6.10 6.24 -23.98
N TYR A 188 -5.30 7.09 -24.55
CA TYR A 188 -5.72 7.78 -25.75
C TYR A 188 -5.06 7.08 -26.89
N ILE A 189 -5.87 6.45 -27.71
CA ILE A 189 -5.36 5.73 -28.84
C ILE A 189 -5.88 6.35 -30.12
N PRO A 190 -4.99 6.84 -30.96
CA PRO A 190 -5.44 7.45 -32.19
C PRO A 190 -6.00 6.39 -33.09
N THR A 191 -7.07 6.68 -33.78
CA THR A 191 -7.63 5.71 -34.69
C THR A 191 -6.74 5.53 -35.89
N GLU A 192 -6.52 4.28 -36.26
CA GLU A 192 -5.66 3.95 -37.36
C GLU A 192 -6.31 4.27 -38.68
N LYS A 193 -5.59 4.95 -39.55
CA LYS A 193 -6.11 5.20 -40.84
C LYS A 193 -6.14 3.88 -41.55
N PRO A 194 -7.10 3.72 -42.43
CA PRO A 194 -7.25 2.46 -43.14
C PRO A 194 -6.03 2.15 -43.98
N GLN A 195 -5.67 0.88 -44.04
CA GLN A 195 -4.60 0.42 -44.90
C GLN A 195 -4.94 0.59 -46.38
N ARG A 196 -3.92 0.85 -47.19
CA ARG A 196 -4.13 1.12 -48.59
C ARG A 196 -3.23 0.27 -49.44
N ALA A 197 -3.72 -0.16 -50.58
CA ALA A 197 -2.89 -0.89 -51.51
C ALA A 197 -1.98 0.16 -52.04
N PRO A 198 -0.77 -0.19 -52.42
CA PRO A 198 -0.33 -1.58 -52.48
C PRO A 198 0.39 -1.99 -51.24
N LEU A 199 0.25 -1.22 -50.19
CA LEU A 199 0.97 -1.47 -48.99
C LEU A 199 0.07 -2.03 -47.92
N VAL B 13 14.08 -21.81 42.35
CA VAL B 13 14.18 -22.46 41.04
C VAL B 13 15.63 -22.63 40.59
N THR B 14 16.46 -23.05 41.53
CA THR B 14 17.80 -23.46 41.26
C THR B 14 17.97 -24.73 40.42
N LEU B 15 17.12 -25.73 40.59
CA LEU B 15 17.19 -26.95 39.78
C LEU B 15 15.96 -27.22 38.92
N ARG B 16 16.16 -27.50 37.65
CA ARG B 16 15.07 -27.83 36.77
C ARG B 16 15.36 -29.06 35.97
N ARG B 17 14.50 -30.05 36.04
CA ARG B 17 14.61 -31.20 35.17
C ARG B 17 14.35 -30.76 33.77
N ALA B 18 15.08 -31.25 32.80
CA ALA B 18 14.81 -30.83 31.44
C ALA B 18 13.46 -31.37 30.99
N GLY B 19 12.72 -30.56 30.26
CA GLY B 19 11.31 -30.75 30.11
C GLY B 19 10.72 -30.11 28.89
N GLY B 20 9.40 -30.02 28.91
CA GLY B 20 8.62 -29.39 27.86
C GLY B 20 8.62 -27.88 27.77
N THR B 21 8.03 -27.36 26.72
CA THR B 21 7.97 -25.95 26.44
C THR B 21 6.60 -25.38 26.71
N PRO B 22 6.51 -24.35 27.51
CA PRO B 22 5.22 -23.76 27.79
C PRO B 22 4.76 -22.99 26.61
N LEU B 23 3.47 -23.00 26.37
CA LEU B 23 2.89 -22.34 25.24
C LEU B 23 1.82 -21.42 25.67
N VAL B 24 1.69 -20.37 24.90
CA VAL B 24 0.65 -19.41 25.05
C VAL B 24 0.06 -19.11 23.68
N ALA B 25 -1.24 -19.03 23.58
CA ALA B 25 -1.91 -18.71 22.33
C ALA B 25 -3.21 -17.90 22.43
N ALA B 26 -3.48 -17.11 21.41
CA ALA B 26 -4.74 -16.45 21.27
C ALA B 26 -5.39 -16.74 19.92
N TYR B 28 -8.81 -16.19 17.28
CA TYR B 28 -9.96 -15.40 16.94
C TYR B 28 -10.76 -15.96 15.77
N HIS B 29 -12.06 -15.99 15.88
CA HIS B 29 -12.87 -16.46 14.78
C HIS B 29 -12.93 -15.46 13.63
N LEU B 30 -12.65 -15.96 12.45
CA LEU B 30 -12.77 -15.25 11.21
C LEU B 30 -14.12 -15.35 10.53
N PRO B 31 -14.35 -14.39 9.68
CA PRO B 31 -15.47 -14.40 8.78
C PRO B 31 -15.18 -15.35 7.64
N ALA B 32 -16.21 -15.63 6.87
CA ALA B 32 -16.13 -16.58 5.77
C ALA B 32 -15.15 -16.08 4.74
N ALA B 33 -14.46 -17.00 4.08
CA ALA B 33 -13.35 -16.69 3.19
C ALA B 33 -13.81 -15.84 2.05
N GLY B 34 -15.07 -15.99 1.69
CA GLY B 34 -15.60 -15.26 0.58
C GLY B 34 -16.10 -13.90 0.94
N SER B 35 -16.23 -13.63 2.22
CA SER B 35 -16.65 -12.34 2.68
C SER B 35 -15.55 -11.34 2.50
N PRO B 36 -15.93 -10.08 2.44
CA PRO B 36 -15.07 -8.94 2.17
C PRO B 36 -13.98 -8.69 3.21
N ASP B 37 -14.29 -8.94 4.47
CA ASP B 37 -13.35 -8.79 5.57
C ASP B 37 -12.17 -9.74 5.66
N PHE B 38 -12.30 -10.89 5.05
CA PHE B 38 -11.35 -11.93 5.27
C PHE B 38 -9.94 -11.60 4.84
N VAL B 39 -9.81 -11.00 3.69
CA VAL B 39 -8.51 -10.69 3.13
C VAL B 39 -7.78 -9.70 4.00
N GLY B 40 -8.48 -8.75 4.55
CA GLY B 40 -7.87 -7.81 5.43
C GLY B 40 -7.27 -8.42 6.67
N LEU B 41 -8.00 -9.35 7.27
CA LEU B 41 -7.52 -10.07 8.40
C LEU B 41 -6.32 -10.91 8.08
N ASP B 42 -6.35 -11.53 6.95
CA ASP B 42 -5.25 -12.33 6.56
C ASP B 42 -3.98 -11.49 6.39
N LEU B 43 -4.11 -10.31 5.81
CA LEU B 43 -3.03 -9.34 5.79
C LEU B 43 -2.63 -8.80 7.18
N ALA B 44 -3.59 -8.49 8.02
CA ALA B 44 -3.28 -8.05 9.36
C ALA B 44 -2.53 -9.11 10.11
N ALA B 45 -2.91 -10.34 9.94
CA ALA B 45 -2.18 -11.38 10.60
C ALA B 45 -0.79 -11.37 10.07
N THR B 46 -0.67 -11.10 8.79
CA THR B 46 0.63 -11.13 8.18
C THR B 46 1.52 -10.07 8.77
N ILE B 47 1.02 -8.87 8.89
CA ILE B 47 1.75 -7.83 9.51
C ILE B 47 2.11 -8.15 10.93
N LEU B 48 1.16 -8.68 11.69
CA LEU B 48 1.39 -8.98 13.10
C LEU B 48 2.42 -10.02 13.42
N ALA B 49 2.49 -11.07 12.63
CA ALA B 49 3.28 -12.24 12.96
C ALA B 49 4.65 -12.34 12.34
N ASP B 50 5.05 -11.32 11.61
CA ASP B 50 6.34 -11.31 10.95
C ASP B 50 7.44 -11.46 11.98
N THR B 51 8.39 -12.33 11.75
CA THR B 51 9.58 -12.41 12.57
C THR B 51 10.77 -12.11 11.67
N PRO B 52 11.68 -11.24 12.05
CA PRO B 52 11.73 -10.60 13.36
C PRO B 52 11.18 -9.22 13.40
N SER B 53 10.68 -8.71 12.31
CA SER B 53 10.34 -7.31 12.29
C SER B 53 8.92 -6.98 12.63
N GLY B 54 8.19 -7.97 13.12
CA GLY B 54 6.78 -7.82 13.46
C GLY B 54 6.45 -7.24 14.81
N ARG B 55 5.20 -6.86 14.97
CA ARG B 55 4.73 -6.31 16.22
C ARG B 55 4.75 -7.26 17.41
N LEU B 56 4.39 -8.50 17.19
CA LEU B 56 4.43 -9.49 18.24
C LEU B 56 5.82 -9.75 18.71
N TYR B 57 6.75 -9.84 17.78
CA TYR B 57 8.09 -10.18 18.13
C TYR B 57 8.66 -9.11 19.08
N HIS B 58 8.50 -7.86 18.69
CA HIS B 58 9.02 -6.74 19.46
C HIS B 58 8.42 -6.67 20.83
N ALA B 59 7.13 -6.89 20.93
CA ALA B 59 6.46 -6.93 22.20
C ALA B 59 6.88 -8.06 23.11
N LEU B 60 7.23 -9.20 22.57
CA LEU B 60 7.54 -10.34 23.41
C LEU B 60 8.96 -10.86 23.45
N VAL B 61 9.73 -10.70 22.41
CA VAL B 61 10.96 -11.43 22.49
C VAL B 61 12.18 -10.70 23.08
N PRO B 62 12.54 -9.54 22.55
CA PRO B 62 13.66 -8.77 23.04
C PRO B 62 13.35 -8.42 24.44
N THR B 63 12.08 -8.19 24.62
CA THR B 63 11.48 -7.84 25.86
C THR B 63 11.70 -9.00 26.80
N LYS B 64 12.01 -10.15 26.25
CA LYS B 64 12.25 -11.33 27.05
C LYS B 64 11.03 -12.04 27.65
N LEU B 65 9.85 -11.84 27.09
CA LEU B 65 8.66 -12.53 27.58
C LEU B 65 8.42 -13.85 26.89
N ALA B 66 9.04 -14.05 25.76
CA ALA B 66 8.93 -15.28 25.04
C ALA B 66 10.18 -15.52 24.25
N SER B 67 10.51 -16.77 24.02
CA SER B 67 11.53 -17.15 23.05
C SER B 67 11.21 -16.93 21.61
N GLY B 68 9.98 -17.17 21.24
CA GLY B 68 9.50 -16.98 19.88
C GLY B 68 7.99 -16.87 19.73
N VAL B 69 7.56 -16.29 18.63
CA VAL B 69 6.17 -16.03 18.31
C VAL B 69 5.76 -16.61 16.97
N PHE B 70 4.48 -16.87 16.78
CA PHE B 70 3.93 -17.29 15.52
C PHE B 70 2.55 -16.73 15.34
N GLY B 71 2.12 -16.63 14.11
CA GLY B 71 0.76 -16.32 13.76
C GLY B 71 0.39 -16.64 12.33
N PHE B 72 -0.83 -17.03 12.09
CA PHE B 72 -1.34 -17.31 10.78
C PHE B 72 -2.87 -17.42 10.84
N THR B 73 -3.54 -17.40 9.70
CA THR B 73 -4.96 -17.68 9.63
C THR B 73 -5.16 -19.07 9.12
N ASP B 75 -7.81 -21.05 7.08
CA ASP B 75 -9.03 -21.09 6.32
C ASP B 75 -9.67 -22.44 6.17
N GLN B 76 -8.90 -23.48 6.32
CA GLN B 76 -9.45 -24.77 6.02
C GLN B 76 -10.15 -25.42 7.18
N LEU B 77 -10.20 -24.77 8.32
CA LEU B 77 -11.05 -25.18 9.41
C LEU B 77 -12.48 -24.70 9.18
N ASP B 78 -13.46 -25.38 9.73
CA ASP B 78 -14.83 -24.94 9.58
C ASP B 78 -15.48 -24.75 10.89
N PRO B 79 -15.71 -23.52 11.28
CA PRO B 79 -15.30 -22.33 10.54
C PRO B 79 -13.85 -21.91 10.78
N GLY B 80 -13.47 -20.82 10.15
CA GLY B 80 -12.13 -20.28 10.17
C GLY B 80 -11.60 -19.65 11.43
N LEU B 81 -10.30 -19.75 11.59
CA LEU B 81 -9.62 -19.25 12.75
C LEU B 81 -8.32 -18.56 12.44
N ALA B 82 -8.00 -17.51 13.15
CA ALA B 82 -6.70 -16.90 13.18
C ALA B 82 -6.02 -17.21 14.50
N PHE B 84 -2.51 -16.79 17.04
CA PHE B 84 -1.26 -16.17 17.36
C PHE B 84 -0.79 -16.83 18.60
N GLY B 85 0.50 -16.98 18.72
CA GLY B 85 1.08 -17.75 19.78
C GLY B 85 2.50 -17.46 20.18
N ALA B 86 2.90 -18.00 21.31
CA ALA B 86 4.23 -17.90 21.81
C ALA B 86 4.74 -19.18 22.45
N GLN B 87 6.02 -19.39 22.31
CA GLN B 87 6.70 -20.45 22.95
C GLN B 87 7.59 -19.82 24.01
N LEU B 88 7.58 -20.35 25.21
CA LEU B 88 8.39 -19.79 26.25
C LEU B 88 9.39 -20.76 26.89
N GLN B 89 10.49 -20.21 27.37
CA GLN B 89 11.45 -20.94 28.16
C GLN B 89 10.82 -21.16 29.49
N PRO B 90 11.17 -22.25 30.14
CA PRO B 90 10.57 -22.57 31.43
C PRO B 90 10.90 -21.52 32.48
N GLY B 91 9.90 -21.21 33.28
CA GLY B 91 10.00 -20.16 34.27
C GLY B 91 9.72 -18.73 33.81
N ASP B 93 7.21 -15.85 32.57
CA ASP B 93 5.90 -15.65 33.16
C ASP B 93 4.80 -15.83 32.15
N GLN B 94 4.08 -16.92 32.27
CA GLN B 94 3.08 -17.31 31.32
C GLN B 94 1.92 -16.33 31.24
N ASP B 95 1.44 -15.85 32.36
CA ASP B 95 0.38 -14.87 32.36
C ASP B 95 0.77 -13.58 31.67
N LYS B 96 1.95 -13.10 31.95
CA LYS B 96 2.40 -11.86 31.36
C LYS B 96 2.57 -11.94 29.85
N ALA B 97 3.08 -13.04 29.37
CA ALA B 97 3.19 -13.25 27.95
C ALA B 97 1.83 -13.28 27.29
N LEU B 98 0.89 -13.95 27.89
CA LEU B 98 -0.45 -13.97 27.35
C LEU B 98 -1.10 -12.61 27.34
N GLN B 99 -1.04 -11.91 28.44
CA GLN B 99 -1.57 -10.57 28.48
C GLN B 99 -0.86 -9.64 27.49
N THR B 100 0.44 -9.72 27.37
CA THR B 100 1.11 -8.96 26.38
C THR B 100 0.71 -9.38 24.99
N LEU B 101 0.58 -10.66 24.75
CA LEU B 101 0.24 -11.11 23.43
C LEU B 101 -1.10 -10.59 23.01
N THR B 102 -2.10 -10.73 23.86
CA THR B 102 -3.42 -10.22 23.59
C THR B 102 -3.49 -8.72 23.48
N ALA B 103 -2.70 -8.00 24.25
CA ALA B 103 -2.71 -6.56 24.22
C ALA B 103 -2.19 -6.00 22.93
N THR B 104 -1.13 -6.58 22.41
CA THR B 104 -0.59 -6.17 21.16
C THR B 104 -1.60 -6.42 20.04
N LEU B 105 -2.23 -7.57 20.05
CA LEU B 105 -3.23 -7.89 19.08
C LEU B 105 -4.47 -7.04 19.09
N GLU B 106 -4.95 -6.64 20.25
CA GLU B 106 -6.24 -6.01 20.39
C GLU B 106 -6.21 -4.48 20.55
N SER B 107 -5.05 -3.92 20.34
CA SER B 107 -4.79 -2.50 20.46
C SER B 107 -4.45 -1.78 19.19
N LEU B 108 -4.81 -2.29 18.05
CA LEU B 108 -4.38 -1.67 16.81
C LEU B 108 -4.93 -0.27 16.65
N SER B 109 -6.10 -0.02 17.20
CA SER B 109 -6.72 1.26 17.08
C SER B 109 -5.86 2.35 17.71
N SER B 110 -5.18 2.04 18.80
CA SER B 110 -4.16 2.88 19.35
C SER B 110 -2.84 2.95 18.62
N LYS B 111 -2.53 1.92 17.87
CA LYS B 111 -1.31 1.85 17.07
C LYS B 111 -1.52 1.29 15.66
N PRO B 112 -2.14 2.08 14.81
CA PRO B 112 -2.73 1.64 13.56
C PRO B 112 -1.71 1.18 12.58
N PHE B 113 -2.09 0.34 11.64
CA PHE B 113 -1.14 -0.13 10.66
C PHE B 113 -0.66 1.04 9.77
N SER B 114 0.62 1.05 9.48
CA SER B 114 1.21 1.93 8.50
C SER B 114 1.07 1.37 7.10
N GLN B 115 1.11 2.23 6.08
CA GLN B 115 1.08 1.76 4.70
C GLN B 115 2.30 0.95 4.44
N GLU B 116 3.37 1.29 5.09
CA GLU B 116 4.59 0.60 4.84
C GLU B 116 4.42 -0.83 5.24
N GLU B 117 3.76 -1.03 6.37
CA GLU B 117 3.54 -2.38 6.88
C GLU B 117 2.67 -3.19 5.93
N LEU B 118 1.61 -2.57 5.46
CA LEU B 118 0.67 -3.17 4.54
C LEU B 118 1.20 -3.58 3.19
N GLU B 119 2.00 -2.74 2.58
CA GLU B 119 2.64 -3.06 1.32
C GLU B 119 3.61 -4.19 1.44
N ARG B 120 4.35 -4.24 2.53
CA ARG B 120 5.18 -5.40 2.73
C ARG B 120 4.29 -6.64 2.90
N ALA B 121 3.20 -6.50 3.63
CA ALA B 121 2.33 -7.65 3.80
C ALA B 121 1.76 -8.09 2.47
N ARG B 122 1.23 -7.16 1.72
CA ARG B 122 0.56 -7.50 0.52
C ARG B 122 1.49 -8.17 -0.42
N SER B 123 2.71 -7.68 -0.48
CA SER B 123 3.72 -8.22 -1.36
C SER B 123 4.11 -9.63 -1.04
N LYS B 124 4.24 -9.93 0.22
CA LYS B 124 4.51 -11.30 0.60
C LYS B 124 3.36 -12.27 0.27
N TRP B 125 2.13 -11.85 0.47
CA TRP B 125 0.97 -12.69 0.17
C TRP B 125 0.89 -13.00 -1.31
N LEU B 126 1.02 -11.97 -2.11
CA LEU B 126 1.02 -12.13 -3.54
C LEU B 126 2.17 -12.97 -4.03
N THR B 127 3.29 -12.90 -3.38
CA THR B 127 4.39 -13.73 -3.76
C THR B 127 4.04 -15.17 -3.50
N ALA B 128 3.49 -15.45 -2.34
CA ALA B 128 3.08 -16.80 -2.07
C ALA B 128 2.00 -17.27 -3.04
N TRP B 129 1.09 -16.41 -3.40
CA TRP B 129 0.04 -16.80 -4.31
C TRP B 129 0.63 -17.21 -5.64
N GLN B 130 1.50 -16.37 -6.16
CA GLN B 130 2.11 -16.63 -7.44
C GLN B 130 2.91 -17.89 -7.41
N GLN B 131 3.49 -18.20 -6.27
CA GLN B 131 4.18 -19.46 -6.11
C GLN B 131 3.29 -20.69 -6.16
N THR B 132 2.12 -20.62 -5.56
CA THR B 132 1.13 -21.67 -5.67
C THR B 132 0.61 -21.86 -7.07
N TYR B 133 0.26 -20.76 -7.71
CA TYR B 133 -0.28 -20.78 -9.04
C TYR B 133 0.72 -21.35 -9.99
N ALA B 134 1.98 -21.03 -9.83
CA ALA B 134 3.03 -21.55 -10.67
C ALA B 134 3.40 -23.00 -10.40
N ASP B 135 2.92 -23.57 -9.33
CA ASP B 135 3.31 -24.91 -9.00
C ASP B 135 2.18 -25.85 -9.31
N PRO B 136 2.42 -26.81 -10.16
CA PRO B 136 1.39 -27.70 -10.63
C PRO B 136 0.77 -28.52 -9.53
N GLU B 137 1.53 -29.00 -8.58
CA GLU B 137 0.91 -29.71 -7.50
C GLU B 137 0.04 -28.80 -6.70
N LYS B 138 0.59 -27.65 -6.36
CA LYS B 138 -0.13 -26.67 -5.59
C LYS B 138 -1.38 -26.02 -6.18
N VAL B 139 -1.36 -25.55 -7.41
CA VAL B 139 -2.52 -24.86 -7.94
C VAL B 139 -3.69 -25.80 -7.97
N GLY B 140 -3.44 -27.03 -8.35
CA GLY B 140 -4.50 -27.97 -8.50
C GLY B 140 -5.14 -28.17 -7.17
N VAL B 141 -4.36 -28.31 -6.12
CA VAL B 141 -4.88 -28.46 -4.79
C VAL B 141 -5.64 -27.23 -4.30
N ALA B 142 -5.14 -26.07 -4.62
CA ALA B 142 -5.80 -24.85 -4.27
C ALA B 142 -7.17 -24.69 -4.91
N LEU B 143 -7.27 -25.02 -6.17
CA LEU B 143 -8.52 -25.00 -6.87
C LEU B 143 -9.52 -26.01 -6.39
N SER B 144 -9.04 -27.17 -5.97
CA SER B 144 -9.91 -28.18 -5.39
C SER B 144 -10.51 -27.70 -4.10
N GLU B 145 -9.72 -27.05 -3.29
CA GLU B 145 -10.23 -26.46 -2.09
C GLU B 145 -11.22 -25.39 -2.38
N ALA B 146 -10.93 -24.55 -3.35
CA ALA B 146 -11.90 -23.54 -3.68
C ALA B 146 -13.17 -24.18 -4.18
N ILE B 147 -13.06 -25.20 -4.99
CA ILE B 147 -14.24 -25.88 -5.45
C ILE B 147 -14.98 -26.59 -4.33
N ALA B 148 -14.27 -27.29 -3.46
CA ALA B 148 -14.91 -28.01 -2.38
C ALA B 148 -15.62 -27.03 -1.48
N SER B 149 -15.10 -25.84 -1.41
CA SER B 149 -15.65 -24.82 -0.58
C SER B 149 -16.81 -24.09 -1.23
N GLY B 150 -17.17 -24.50 -2.44
CA GLY B 150 -18.29 -23.93 -3.18
C GLY B 150 -18.11 -22.78 -4.15
N ASP B 151 -16.93 -22.23 -4.26
CA ASP B 151 -16.66 -21.26 -5.29
C ASP B 151 -15.28 -21.40 -5.93
N TRP B 152 -15.22 -21.89 -7.15
CA TRP B 152 -13.97 -22.11 -7.85
C TRP B 152 -13.17 -20.82 -8.03
N ARG B 153 -13.86 -19.72 -8.17
CA ARG B 153 -13.29 -18.43 -8.34
C ARG B 153 -12.43 -17.93 -7.18
N LEU B 154 -12.73 -18.29 -5.94
CA LEU B 154 -12.19 -17.78 -4.82
CA LEU B 154 -12.19 -17.76 -4.83
C LEU B 154 -10.67 -17.90 -4.82
N PHE B 155 -9.97 -18.82 -5.45
CA PHE B 155 -8.53 -18.72 -5.44
C PHE B 155 -8.08 -17.44 -6.13
N PHE B 156 -8.73 -17.13 -7.24
CA PHE B 156 -8.52 -15.91 -7.97
C PHE B 156 -9.01 -14.65 -7.33
N LEU B 157 -10.18 -14.70 -6.75
CA LEU B 157 -10.76 -13.54 -6.13
C LEU B 157 -9.94 -13.01 -4.96
N GLN B 158 -9.35 -13.87 -4.17
CA GLN B 158 -8.54 -13.39 -3.08
C GLN B 158 -7.33 -12.61 -3.55
N ARG B 159 -6.70 -13.05 -4.62
CA ARG B 159 -5.61 -12.31 -5.19
C ARG B 159 -6.05 -10.94 -5.61
N ASP B 160 -7.19 -10.83 -6.26
CA ASP B 160 -7.68 -9.54 -6.67
C ASP B 160 -7.96 -8.66 -5.47
N ARG B 161 -8.56 -9.23 -4.45
CA ARG B 161 -8.84 -8.53 -3.23
C ARG B 161 -7.59 -8.09 -2.50
N VAL B 162 -6.55 -8.88 -2.51
CA VAL B 162 -5.33 -8.49 -1.87
C VAL B 162 -4.70 -7.27 -2.55
N ARG B 163 -4.72 -7.23 -3.87
CA ARG B 163 -4.23 -6.09 -4.61
C ARG B 163 -5.02 -4.83 -4.34
N ASP B 164 -6.31 -4.93 -4.23
CA ASP B 164 -7.14 -3.75 -4.05
C ASP B 164 -7.45 -3.35 -2.62
N ALA B 165 -6.90 -4.07 -1.65
CA ALA B 165 -7.29 -3.86 -0.27
C ALA B 165 -6.77 -2.55 0.22
N LYS B 166 -7.65 -1.72 0.73
CA LYS B 166 -7.26 -0.43 1.29
C LYS B 166 -6.83 -0.57 2.72
N LEU B 167 -5.89 0.24 3.14
CA LEU B 167 -5.37 0.20 4.48
C LEU B 167 -6.45 0.45 5.46
N ASP B 168 -7.35 1.33 5.16
CA ASP B 168 -8.43 1.57 6.07
C ASP B 168 -9.28 0.34 6.28
N ASP B 169 -9.51 -0.42 5.24
CA ASP B 169 -10.27 -1.65 5.37
C ASP B 169 -9.56 -2.73 6.17
N VAL B 170 -8.27 -2.85 5.99
CA VAL B 170 -7.50 -3.76 6.75
C VAL B 170 -7.52 -3.35 8.20
N GLN B 171 -7.34 -2.08 8.47
CA GLN B 171 -7.38 -1.61 9.81
C GLN B 171 -8.73 -1.80 10.44
N ARG B 172 -9.79 -1.49 9.74
CA ARG B 172 -11.11 -1.68 10.30
C ARG B 172 -11.42 -3.12 10.61
N ALA B 173 -11.03 -4.03 9.75
CA ALA B 173 -11.22 -5.44 9.96
C ALA B 173 -10.46 -5.99 11.13
N ALA B 174 -9.23 -5.58 11.30
CA ALA B 174 -8.44 -6.04 12.39
C ALA B 174 -9.04 -5.59 13.70
N VAL B 175 -9.45 -4.35 13.76
CA VAL B 175 -10.01 -3.80 14.96
C VAL B 175 -11.28 -4.49 15.32
N ALA B 176 -12.11 -4.76 14.34
CA ALA B 176 -13.34 -5.46 14.62
C ALA B 176 -13.24 -6.92 15.03
N TYR B 177 -12.43 -7.69 14.33
CA TYR B 177 -12.08 -9.06 14.67
C TYR B 177 -11.11 -9.40 15.80
N LEU B 178 -10.05 -8.65 15.97
CA LEU B 178 -9.10 -8.94 17.01
C LEU B 178 -9.52 -8.22 18.27
N VAL B 179 -10.44 -8.83 18.97
CA VAL B 179 -11.11 -8.22 20.07
C VAL B 179 -11.41 -9.29 21.12
N ARG B 180 -11.54 -8.89 22.36
CA ARG B 180 -11.63 -9.80 23.49
C ARG B 180 -12.86 -10.70 23.42
N SER B 181 -13.93 -10.15 22.94
CA SER B 181 -15.19 -10.83 22.80
C SER B 181 -15.13 -11.93 21.77
N ASN B 182 -14.13 -11.88 20.92
CA ASN B 182 -13.84 -12.87 19.89
C ASN B 182 -12.62 -13.72 20.21
N ARG B 183 -12.19 -13.69 21.45
CA ARG B 183 -10.94 -14.30 21.86
C ARG B 183 -11.07 -15.59 22.59
N THR B 184 -10.34 -16.58 22.13
CA THR B 184 -10.18 -17.82 22.82
C THR B 184 -8.72 -17.95 23.19
N GLU B 185 -8.45 -18.34 24.41
CA GLU B 185 -7.13 -18.45 24.95
C GLU B 185 -6.65 -19.90 25.07
N GLY B 186 -5.42 -20.13 24.70
CA GLY B 186 -4.75 -21.39 24.86
C GLY B 186 -3.52 -21.27 25.72
N ARG B 187 -3.36 -22.18 26.64
CA ARG B 187 -2.22 -22.23 27.53
C ARG B 187 -1.72 -23.66 27.63
N TYR B 188 -0.42 -23.88 27.65
CA TYR B 188 0.14 -25.14 28.10
C TYR B 188 1.24 -24.96 29.13
N ILE B 189 1.07 -25.51 30.30
CA ILE B 189 2.15 -25.51 31.26
C ILE B 189 2.51 -26.93 31.53
N PRO B 190 3.69 -27.30 31.10
CA PRO B 190 4.22 -28.64 31.24
C PRO B 190 4.30 -29.06 32.67
N THR B 191 3.82 -30.24 33.00
CA THR B 191 3.99 -30.75 34.34
C THR B 191 5.48 -31.00 34.62
N GLU B 192 5.84 -31.05 35.89
CA GLU B 192 7.20 -31.38 36.32
C GLU B 192 7.39 -32.86 36.59
N ALA B 197 15.98 -37.52 43.62
CA ALA B 197 16.96 -38.11 44.54
C ALA B 197 18.18 -38.51 43.78
N PRO B 198 19.35 -38.02 44.17
CA PRO B 198 19.60 -37.39 45.45
C PRO B 198 19.35 -35.91 45.49
N LEU B 199 19.01 -35.33 44.37
CA LEU B 199 18.77 -33.91 44.36
C LEU B 199 17.39 -33.60 44.84
#